data_6A9V
#
_entry.id   6A9V
#
_cell.length_a   142.081
_cell.length_b   142.081
_cell.length_c   118.731
_cell.angle_alpha   90.00
_cell.angle_beta   90.00
_cell.angle_gamma   90.00
#
_symmetry.space_group_name_H-M   'I 4 2 2'
#
loop_
_entity.id
_entity.type
_entity.pdbx_description
1 polymer 'Intermediate cleaving peptidase 55'
2 non-polymer 'MANGANESE (II) ION'
3 non-polymer 'TRIETHYLENE GLYCOL'
4 non-polymer GLYCINE
#
_entity_poly.entity_id   1
_entity_poly.type   'polypeptide(L)'
_entity_poly.pdbx_seq_one_letter_code
;GSAGQPLHETRPFLIKSGELTPGISALEYYERRIRLAETLPPKSCVILAGNDIQFASGAVFYPFQQENDLFYLSGWNEPN
SVMILEKPTDSLSDTIFHMLVPPKDAFAEKWEGFRSGVYGVQEIFNADESASINDLSKYLPKIINRNDFIYFDMLSTSNP
SSSNFKHIKSLLDGSGNSNRSLNSIANKTIKPISKRIAEFRKIKSPQELRIMRRAGQISGRSFNQAFAKRFRNERTLDSF
LHYKFISGGCDKDAYIPVVATGSNSLCIHYTRNDDVMFDDEMVLVDAAGSLGGYCADISRTWPNSGKFTDAQRDLYEAVL
NVQRDCIKLCKASNNYSLHDIHEKSITLMKQELKNLGIDKVSGWNVEKLYPHYIGHNLGLDVHDVPKVSRYEPLKVGQVI
TIEPGLYIPNEESFPSYFRNVGIRIEDDIAIGEDTYTNLTVEAVKEIDDLENVMQNGLSTKFEEDQVAPL
;
_entity_poly.pdbx_strand_id   A
#
loop_
_chem_comp.id
_chem_comp.type
_chem_comp.name
_chem_comp.formula
MN non-polymer 'MANGANESE (II) ION' 'Mn 2'
PGE non-polymer 'TRIETHYLENE GLYCOL' 'C6 H14 O4'
#
# COMPACT_ATOMS: atom_id res chain seq x y z
N GLY A 18 20.67 9.34 12.88
CA GLY A 18 20.57 10.28 11.78
C GLY A 18 19.18 10.32 11.16
N GLU A 19 18.39 9.28 11.43
CA GLU A 19 17.05 9.20 10.90
C GLU A 19 16.09 10.10 11.66
N LEU A 20 15.13 10.67 10.95
CA LEU A 20 14.06 11.45 11.57
C LEU A 20 12.85 10.58 11.88
N THR A 21 12.38 9.83 10.89
CA THR A 21 11.44 8.74 11.04
C THR A 21 12.15 7.45 10.64
N PRO A 22 11.62 6.28 11.03
CA PRO A 22 12.30 5.02 10.67
C PRO A 22 12.59 4.88 9.18
N GLY A 23 13.88 4.96 8.82
CA GLY A 23 14.33 4.73 7.47
C GLY A 23 14.60 5.97 6.66
N ILE A 24 14.12 7.14 7.09
CA ILE A 24 14.26 8.38 6.34
C ILE A 24 15.06 9.37 7.18
N SER A 25 16.12 9.92 6.60
CA SER A 25 16.92 10.91 7.29
C SER A 25 16.29 12.29 7.15
N ALA A 26 16.66 13.19 8.06
CA ALA A 26 16.14 14.55 8.02
C ALA A 26 16.54 15.27 6.74
N LEU A 27 17.64 14.85 6.12
CA LEU A 27 18.08 15.48 4.88
C LEU A 27 17.10 15.20 3.74
N GLU A 28 16.58 13.97 3.66
CA GLU A 28 15.65 13.64 2.59
C GLU A 28 14.35 14.44 2.72
N TYR A 29 13.86 14.62 3.94
CA TYR A 29 12.67 15.47 4.13
C TYR A 29 12.92 16.87 3.63
N TYR A 30 14.10 17.42 3.92
CA TYR A 30 14.47 18.73 3.38
C TYR A 30 14.51 18.70 1.85
N GLU A 31 15.10 17.65 1.29
CA GLU A 31 15.17 17.53 -0.17
C GLU A 31 13.79 17.39 -0.78
N ARG A 32 12.85 16.76 -0.07
CA ARG A 32 11.48 16.65 -0.60
C ARG A 32 10.81 18.02 -0.65
N ARG A 33 11.01 18.85 0.38
CA ARG A 33 10.44 20.19 0.36
C ARG A 33 11.07 21.06 -0.71
N ILE A 34 12.35 20.82 -1.02
CA ILE A 34 12.99 21.55 -2.11
C ILE A 34 12.43 21.13 -3.45
N ARG A 35 12.19 19.83 -3.63
CA ARG A 35 11.65 19.35 -4.90
C ARG A 35 10.27 19.92 -5.18
N LEU A 36 9.45 20.07 -4.14
CA LEU A 36 8.15 20.70 -4.33
C LEU A 36 8.27 22.18 -4.65
N ALA A 37 9.18 22.87 -3.96
CA ALA A 37 9.36 24.31 -4.20
C ALA A 37 9.92 24.58 -5.59
N GLU A 38 10.68 23.65 -6.16
CA GLU A 38 11.17 23.79 -7.52
C GLU A 38 10.05 23.80 -8.55
N THR A 39 8.80 23.57 -8.13
CA THR A 39 7.66 23.57 -9.03
C THR A 39 6.69 24.72 -8.78
N LEU A 40 7.01 25.63 -7.87
CA LEU A 40 6.10 26.68 -7.46
C LEU A 40 6.53 28.02 -8.00
N PRO A 41 5.58 28.89 -8.38
CA PRO A 41 5.93 30.23 -8.84
C PRO A 41 6.28 31.12 -7.68
N PRO A 42 6.89 32.28 -7.93
CA PRO A 42 7.22 33.19 -6.84
C PRO A 42 5.96 33.69 -6.12
N LYS A 43 6.10 33.91 -4.81
CA LYS A 43 5.01 34.34 -3.95
C LYS A 43 3.89 33.29 -3.90
N SER A 44 4.28 32.06 -3.59
CA SER A 44 3.36 30.96 -3.37
C SER A 44 3.50 30.45 -1.95
N CYS A 45 2.47 29.74 -1.48
CA CYS A 45 2.55 29.09 -0.18
C CYS A 45 1.65 27.86 -0.18
N VAL A 46 2.20 26.74 0.27
CA VAL A 46 1.46 25.48 0.38
C VAL A 46 0.98 25.33 1.81
N ILE A 47 -0.28 24.98 1.99
CA ILE A 47 -0.89 24.85 3.30
C ILE A 47 -1.42 23.43 3.44
N LEU A 48 -0.93 22.71 4.45
CA LEU A 48 -1.32 21.33 4.71
C LEU A 48 -1.79 21.22 6.15
N ALA A 49 -3.02 20.75 6.34
CA ALA A 49 -3.60 20.59 7.66
C ALA A 49 -3.48 19.13 8.10
N GLY A 50 -2.90 18.91 9.28
CA GLY A 50 -2.77 17.58 9.81
C GLY A 50 -4.09 17.04 10.32
N ASN A 51 -4.04 15.78 10.75
CA ASN A 51 -5.22 15.12 11.29
C ASN A 51 -5.34 15.36 12.79
N ASP A 52 -6.50 15.04 13.34
CA ASP A 52 -6.76 15.08 14.78
C ASP A 52 -6.92 13.66 15.30
N ILE A 53 -7.03 13.54 16.62
CA ILE A 53 -7.20 12.24 17.25
C ILE A 53 -8.62 11.72 17.01
N PHE A 64 -2.73 6.76 15.90
CA PHE A 64 -2.92 8.01 15.18
C PHE A 64 -2.35 7.92 13.76
N GLN A 65 -3.12 8.41 12.80
CA GLN A 65 -2.73 8.41 11.38
C GLN A 65 -2.60 9.86 10.92
N GLN A 66 -1.37 10.29 10.71
CA GLN A 66 -1.11 11.66 10.25
C GLN A 66 -1.52 11.81 8.78
N GLU A 67 -1.74 13.05 8.38
CA GLU A 67 -1.98 13.36 6.97
C GLU A 67 -0.69 13.09 6.19
N ASN A 68 -0.76 12.16 5.23
CA ASN A 68 0.45 11.62 4.63
C ASN A 68 1.18 12.63 3.75
N ASP A 69 0.45 13.54 3.09
CA ASP A 69 1.12 14.62 2.37
C ASP A 69 1.93 15.47 3.33
N LEU A 70 1.37 15.80 4.50
CA LEU A 70 2.15 16.49 5.53
C LEU A 70 3.29 15.62 6.02
N PHE A 71 3.03 14.31 6.23
CA PHE A 71 4.06 13.41 6.75
C PHE A 71 5.18 13.19 5.73
N TYR A 72 4.85 13.18 4.44
CA TYR A 72 5.87 13.02 3.41
C TYR A 72 6.91 14.13 3.45
N LEU A 73 6.50 15.35 3.81
CA LEU A 73 7.37 16.52 3.74
C LEU A 73 7.94 16.94 5.09
N SER A 74 7.52 16.32 6.18
CA SER A 74 7.90 16.81 7.51
C SER A 74 8.34 15.70 8.45
N GLY A 75 7.68 14.54 8.36
CA GLY A 75 7.94 13.47 9.29
C GLY A 75 7.30 13.78 10.62
N TRP A 76 6.46 14.83 10.64
CA TRP A 76 5.79 15.26 11.86
C TRP A 76 4.53 14.42 12.06
N ASN A 77 4.46 13.73 13.19
CA ASN A 77 3.41 12.75 13.43
C ASN A 77 2.63 13.05 14.70
N GLU A 78 2.12 14.28 14.82
CA GLU A 78 1.31 14.70 15.95
C GLU A 78 0.03 15.33 15.46
N PRO A 79 -1.05 15.25 16.25
CA PRO A 79 -2.31 15.85 15.83
C PRO A 79 -2.32 17.36 16.03
N ASN A 80 -3.36 18.00 15.48
CA ASN A 80 -3.60 19.43 15.65
C ASN A 80 -2.38 20.26 15.25
N SER A 81 -1.96 20.07 14.00
CA SER A 81 -0.77 20.72 13.48
C SER A 81 -1.02 21.17 12.05
N VAL A 82 -0.45 22.32 11.69
CA VAL A 82 -0.55 22.88 10.35
C VAL A 82 0.86 23.18 9.85
N MET A 83 1.14 22.78 8.61
CA MET A 83 2.41 23.06 7.96
C MET A 83 2.20 24.06 6.82
N ILE A 84 3.14 24.99 6.67
CA ILE A 84 3.12 25.97 5.59
C ILE A 84 4.49 25.95 4.92
N LEU A 85 4.49 25.79 3.59
CA LEU A 85 5.70 25.90 2.78
C LEU A 85 5.55 27.10 1.87
N GLU A 86 6.42 28.09 2.04
CA GLU A 86 6.31 29.38 1.39
C GLU A 86 7.52 29.65 0.50
N LYS A 87 7.27 30.15 -0.70
CA LYS A 87 8.32 30.53 -1.66
C LYS A 87 8.15 32.00 -1.99
N PRO A 88 8.80 32.90 -1.25
CA PRO A 88 8.56 34.34 -1.48
C PRO A 88 9.14 34.86 -2.78
N THR A 89 10.32 34.39 -3.17
CA THR A 89 10.95 34.82 -4.43
C THR A 89 11.16 33.60 -5.32
N ASP A 90 11.91 33.79 -6.40
CA ASP A 90 12.25 32.71 -7.32
C ASP A 90 13.55 32.01 -6.96
N SER A 91 14.09 32.29 -5.77
CA SER A 91 15.30 31.64 -5.29
C SER A 91 14.95 30.60 -4.24
N LEU A 92 15.50 29.39 -4.39
CA LEU A 92 15.21 28.30 -3.47
C LEU A 92 15.81 28.54 -2.08
N SER A 93 16.73 29.48 -1.94
CA SER A 93 17.33 29.79 -0.63
C SER A 93 16.46 30.71 0.21
N ASP A 94 15.35 31.20 -0.33
CA ASP A 94 14.45 32.08 0.41
C ASP A 94 13.20 31.37 0.92
N THR A 95 13.04 30.08 0.62
CA THR A 95 11.86 29.36 1.07
C THR A 95 11.80 29.30 2.59
N ILE A 96 10.59 29.20 3.11
CA ILE A 96 10.36 29.21 4.56
C ILE A 96 9.45 28.04 4.92
N PHE A 97 9.85 27.28 5.92
CA PHE A 97 9.13 26.08 6.37
C PHE A 97 8.45 26.41 7.70
N HIS A 98 7.17 26.73 7.65
CA HIS A 98 6.40 27.05 8.84
C HIS A 98 5.79 25.78 9.44
N MET A 99 5.70 25.75 10.77
CA MET A 99 5.12 24.62 11.50
C MET A 99 4.40 25.16 12.73
N LEU A 100 3.08 24.95 12.78
CA LEU A 100 2.28 25.33 13.94
C LEU A 100 1.84 24.05 14.65
N VAL A 101 2.29 23.88 15.89
CA VAL A 101 2.15 22.61 16.60
C VAL A 101 1.48 22.84 17.95
N PRO A 102 0.99 21.79 18.62
CA PRO A 102 0.45 21.98 19.96
C PRO A 102 1.53 22.42 20.92
N PRO A 103 1.19 23.25 21.92
CA PRO A 103 2.15 23.76 22.90
C PRO A 103 2.76 22.67 23.76
N GLY A 120 11.93 22.59 19.74
CA GLY A 120 12.31 21.28 19.27
C GLY A 120 11.88 20.99 17.84
N VAL A 121 10.73 21.54 17.46
CA VAL A 121 10.23 21.36 16.10
C VAL A 121 11.18 22.00 15.10
N GLN A 122 11.87 23.07 15.50
CA GLN A 122 12.84 23.70 14.60
C GLN A 122 14.17 22.99 14.63
N GLU A 123 14.53 22.37 15.76
CA GLU A 123 15.83 21.73 15.89
C GLU A 123 15.83 20.27 15.44
N ILE A 124 14.71 19.58 15.56
CA ILE A 124 14.62 18.18 15.16
C ILE A 124 13.99 18.02 13.79
N PHE A 125 12.94 18.78 13.49
CA PHE A 125 12.24 18.69 12.21
C PHE A 125 12.64 19.78 11.23
N ASN A 126 13.53 20.69 11.63
CA ASN A 126 14.11 21.69 10.74
C ASN A 126 13.07 22.68 10.22
N ALA A 127 12.18 23.14 11.10
CA ALA A 127 11.22 24.18 10.74
C ALA A 127 11.89 25.54 10.82
N ASP A 128 11.82 26.30 9.72
CA ASP A 128 12.41 27.63 9.72
C ASP A 128 11.70 28.56 10.69
N GLU A 129 10.37 28.46 10.77
CA GLU A 129 9.56 29.24 11.70
C GLU A 129 8.56 28.31 12.38
N SER A 130 8.12 28.70 13.57
CA SER A 130 7.17 27.89 14.31
C SER A 130 6.42 28.76 15.30
N ALA A 131 5.25 28.27 15.71
CA ALA A 131 4.42 28.93 16.70
C ALA A 131 3.38 27.94 17.21
N SER A 132 2.66 28.35 18.25
CA SER A 132 1.59 27.54 18.78
C SER A 132 0.44 27.44 17.77
N ILE A 133 -0.26 26.30 17.79
CA ILE A 133 -1.41 26.13 16.92
C ILE A 133 -2.54 27.07 17.29
N ASN A 134 -2.57 27.54 18.54
CA ASN A 134 -3.59 28.51 18.94
C ASN A 134 -3.44 29.82 18.19
N ASP A 135 -2.21 30.15 17.75
CA ASP A 135 -1.93 31.38 17.03
C ASP A 135 -2.35 31.32 15.57
N LEU A 136 -3.09 30.28 15.15
CA LEU A 136 -3.40 30.08 13.74
C LEU A 136 -4.14 31.28 13.15
N SER A 137 -5.14 31.79 13.88
CA SER A 137 -5.96 32.88 13.35
C SER A 137 -5.17 34.17 13.19
N LYS A 138 -4.11 34.35 13.98
CA LYS A 138 -3.26 35.54 13.88
C LYS A 138 -2.02 35.31 13.03
N TYR A 139 -1.59 34.06 12.86
CA TYR A 139 -0.38 33.72 12.14
C TYR A 139 -0.64 33.50 10.65
N LEU A 140 -1.71 32.75 10.33
CA LEU A 140 -1.93 32.35 8.94
C LEU A 140 -2.29 33.51 8.01
N PRO A 141 -3.22 34.41 8.37
CA PRO A 141 -3.58 35.47 7.41
C PRO A 141 -2.42 36.34 6.97
N LYS A 142 -1.45 36.59 7.85
CA LYS A 142 -0.28 37.37 7.46
C LYS A 142 0.48 36.71 6.32
N ILE A 143 0.49 35.38 6.26
CA ILE A 143 1.20 34.68 5.20
C ILE A 143 0.39 34.65 3.92
N ILE A 144 -0.92 34.43 4.03
CA ILE A 144 -1.79 34.40 2.85
C ILE A 144 -1.74 35.74 2.12
N ASN A 145 -1.82 36.84 2.87
CA ASN A 145 -1.93 38.16 2.26
C ASN A 145 -0.71 38.50 1.40
N ARG A 146 0.48 38.06 1.81
CA ARG A 146 1.71 38.41 1.09
C ARG A 146 2.02 37.45 -0.07
N ASN A 147 1.14 36.51 -0.38
CA ASN A 147 1.35 35.59 -1.48
C ASN A 147 0.18 35.66 -2.45
N ASP A 148 0.48 35.43 -3.72
CA ASP A 148 -0.54 35.46 -4.78
C ASP A 148 -1.19 34.10 -5.00
N PHE A 149 -0.44 33.01 -4.85
CA PHE A 149 -0.93 31.67 -5.13
C PHE A 149 -0.99 30.87 -3.85
N ILE A 150 -2.17 30.30 -3.56
CA ILE A 150 -2.43 29.58 -2.32
C ILE A 150 -2.67 28.12 -2.69
N TYR A 151 -1.68 27.27 -2.46
CA TYR A 151 -1.80 25.85 -2.76
C TYR A 151 -2.49 25.15 -1.59
N PHE A 152 -3.76 24.82 -1.77
CA PHE A 152 -4.57 24.25 -0.70
C PHE A 152 -5.77 23.54 -1.32
N ASP A 153 -6.10 22.37 -0.80
CA ASP A 153 -7.21 21.57 -1.30
C ASP A 153 -8.48 21.93 -0.52
N MET A 154 -9.46 22.49 -1.23
CA MET A 154 -10.70 22.92 -0.60
C MET A 154 -11.71 21.79 -0.41
N LEU A 155 -11.30 20.54 -0.60
CA LEU A 155 -12.20 19.41 -0.41
C LEU A 155 -11.51 18.29 0.34
N SER A 161 -12.26 14.70 8.12
CA SER A 161 -12.50 16.14 8.07
C SER A 161 -11.83 16.83 9.26
N SER A 162 -10.56 17.19 9.07
CA SER A 162 -9.76 17.76 10.14
C SER A 162 -10.36 19.06 10.66
N SER A 163 -10.08 19.36 11.93
CA SER A 163 -10.59 20.59 12.52
C SER A 163 -9.85 21.80 11.97
N ASN A 164 -8.52 21.74 11.93
CA ASN A 164 -7.74 22.82 11.33
C ASN A 164 -8.05 22.98 9.85
N PHE A 165 -8.56 21.92 9.20
CA PHE A 165 -8.95 22.04 7.79
C PHE A 165 -10.15 22.96 7.64
N LYS A 166 -11.22 22.69 8.38
CA LYS A 166 -12.41 23.55 8.32
C LYS A 166 -12.06 24.98 8.72
N HIS A 167 -11.15 25.13 9.67
CA HIS A 167 -10.70 26.47 10.09
C HIS A 167 -10.05 27.20 8.92
N ILE A 168 -9.04 26.58 8.30
CA ILE A 168 -8.31 27.22 7.21
C ILE A 168 -9.23 27.47 6.02
N LYS A 169 -10.09 26.50 5.72
CA LYS A 169 -10.98 26.63 4.56
C LYS A 169 -11.90 27.84 4.71
N SER A 170 -12.40 28.10 5.93
CA SER A 170 -13.30 29.23 6.15
C SER A 170 -12.57 30.56 5.94
N LEU A 171 -11.26 30.61 6.20
CA LEU A 171 -10.50 31.81 5.92
C LEU A 171 -10.48 32.13 4.43
N LEU A 172 -10.65 31.12 3.59
CA LEU A 172 -10.67 31.31 2.14
C LEU A 172 -12.10 31.34 1.64
N THR A 189 -5.78 33.40 -5.99
CA THR A 189 -6.03 32.11 -6.64
C THR A 189 -5.74 30.95 -5.70
N ILE A 190 -6.63 29.97 -5.67
CA ILE A 190 -6.48 28.78 -4.84
C ILE A 190 -6.27 27.58 -5.76
N LYS A 191 -5.11 26.94 -5.64
CA LYS A 191 -4.75 25.79 -6.46
C LYS A 191 -4.64 24.53 -5.62
N PRO A 192 -5.13 23.40 -6.11
CA PRO A 192 -4.95 22.14 -5.40
C PRO A 192 -3.49 21.71 -5.40
N ILE A 193 -3.14 20.86 -4.43
CA ILE A 193 -1.73 20.51 -4.19
C ILE A 193 -1.54 19.01 -3.98
N SER A 194 -2.57 18.32 -3.47
CA SER A 194 -2.40 16.91 -3.09
C SER A 194 -2.01 16.05 -4.29
N LYS A 195 -2.45 16.42 -5.49
CA LYS A 195 -2.08 15.63 -6.67
C LYS A 195 -0.64 15.88 -7.09
N ARG A 196 -0.15 17.11 -6.95
CA ARG A 196 1.23 17.40 -7.30
C ARG A 196 2.21 16.68 -6.38
N ILE A 197 1.86 16.55 -5.09
CA ILE A 197 2.68 15.76 -4.18
C ILE A 197 2.58 14.28 -4.52
N ALA A 198 1.39 13.84 -4.96
CA ALA A 198 1.19 12.45 -5.35
C ALA A 198 2.14 12.04 -6.47
N GLU A 199 2.41 12.97 -7.40
CA GLU A 199 3.38 12.69 -8.45
C GLU A 199 4.79 12.53 -7.91
N PHE A 200 5.08 13.10 -6.73
CA PHE A 200 6.37 12.84 -6.10
C PHE A 200 6.34 11.54 -5.28
N ARG A 201 5.21 11.27 -4.61
CA ARG A 201 5.12 10.10 -3.75
C ARG A 201 5.13 8.80 -4.54
N LYS A 202 4.66 8.82 -5.80
CA LYS A 202 4.62 7.59 -6.57
C LYS A 202 6.01 7.12 -7.00
N ILE A 203 7.03 7.96 -6.88
CA ILE A 203 8.41 7.58 -7.14
C ILE A 203 9.12 7.49 -5.79
N LYS A 204 9.52 6.27 -5.42
CA LYS A 204 10.15 6.04 -4.13
C LYS A 204 11.67 6.20 -4.25
N SER A 205 12.26 6.85 -3.25
CA SER A 205 13.70 7.01 -3.18
C SER A 205 14.34 5.69 -2.77
N PRO A 206 15.67 5.56 -2.95
CA PRO A 206 16.35 4.35 -2.45
C PRO A 206 16.11 4.08 -0.97
N GLN A 207 16.08 5.13 -0.14
CA GLN A 207 15.80 4.94 1.28
C GLN A 207 14.39 4.40 1.48
N GLU A 208 13.41 4.95 0.76
CA GLU A 208 12.03 4.48 0.88
C GLU A 208 11.91 3.04 0.40
N LEU A 209 12.58 2.71 -0.71
CA LEU A 209 12.59 1.32 -1.16
C LEU A 209 13.20 0.38 -0.13
N ARG A 210 14.19 0.87 0.62
CA ARG A 210 14.81 0.04 1.65
C ARG A 210 13.87 -0.19 2.82
N ILE A 211 13.18 0.85 3.28
CA ILE A 211 12.30 0.71 4.44
C ILE A 211 11.06 -0.09 4.07
N MET A 212 10.60 -0.02 2.82
CA MET A 212 9.49 -0.87 2.39
C MET A 212 9.95 -2.32 2.27
N ARG A 213 11.17 -2.54 1.77
CA ARG A 213 11.72 -3.89 1.73
C ARG A 213 11.79 -4.48 3.13
N ARG A 214 12.12 -3.66 4.13
CA ARG A 214 12.18 -4.15 5.50
C ARG A 214 10.79 -4.53 6.00
N ALA A 215 9.78 -3.73 5.67
CA ALA A 215 8.41 -4.05 6.07
C ALA A 215 7.94 -5.35 5.41
N GLY A 216 8.15 -5.47 4.11
CA GLY A 216 7.76 -6.69 3.42
C GLY A 216 8.55 -7.90 3.86
N GLN A 217 9.81 -7.71 4.24
CA GLN A 217 10.61 -8.83 4.73
C GLN A 217 10.13 -9.32 6.09
N ILE A 218 9.79 -8.38 6.99
CA ILE A 218 9.26 -8.78 8.29
C ILE A 218 7.91 -9.47 8.12
N SER A 219 7.04 -8.90 7.28
CA SER A 219 5.74 -9.52 7.03
C SER A 219 5.91 -10.88 6.37
N GLY A 220 6.85 -11.00 5.43
CA GLY A 220 7.03 -12.26 4.73
C GLY A 220 7.49 -13.37 5.65
N ARG A 221 8.49 -13.09 6.49
CA ARG A 221 8.98 -14.09 7.42
C ARG A 221 7.92 -14.47 8.44
N SER A 222 7.01 -13.54 8.76
CA SER A 222 5.91 -13.84 9.68
C SER A 222 4.96 -14.86 9.06
N PHE A 223 4.71 -14.75 7.75
CA PHE A 223 3.87 -15.74 7.09
C PHE A 223 4.50 -17.12 7.14
N ASN A 224 5.82 -17.21 6.94
CA ASN A 224 6.50 -18.50 6.97
C ASN A 224 6.39 -19.15 8.33
N GLN A 225 6.50 -18.36 9.40
CA GLN A 225 6.31 -18.91 10.75
C GLN A 225 4.90 -19.42 10.94
N ALA A 226 3.92 -18.78 10.30
CA ALA A 226 2.54 -19.27 10.39
C ALA A 226 2.36 -20.56 9.60
N PHE A 227 3.06 -20.70 8.48
CA PHE A 227 2.92 -21.88 7.63
C PHE A 227 3.23 -23.16 8.41
N ALA A 228 4.17 -23.10 9.35
CA ALA A 228 4.61 -24.29 10.07
C ALA A 228 3.70 -24.67 11.23
N LYS A 229 2.69 -23.87 11.54
CA LYS A 229 1.83 -24.11 12.69
C LYS A 229 0.40 -24.40 12.23
N ARG A 230 -0.32 -25.16 13.05
CA ARG A 230 -1.69 -25.53 12.78
C ARG A 230 -2.62 -24.57 13.52
N PHE A 231 -3.66 -24.10 12.82
CA PHE A 231 -4.62 -23.16 13.38
C PHE A 231 -6.03 -23.73 13.22
N ARG A 232 -6.73 -23.87 14.34
CA ARG A 232 -8.09 -24.39 14.35
C ARG A 232 -9.15 -23.30 14.23
N ASN A 233 -8.76 -22.04 14.32
CA ASN A 233 -9.70 -20.94 14.18
C ASN A 233 -8.99 -19.75 13.54
N GLU A 234 -9.77 -18.95 12.82
CA GLU A 234 -9.19 -17.81 12.09
C GLU A 234 -8.57 -16.80 13.05
N ARG A 235 -9.22 -16.55 14.19
CA ARG A 235 -8.77 -15.48 15.07
C ARG A 235 -7.40 -15.76 15.67
N THR A 236 -7.08 -17.04 15.90
CA THR A 236 -5.74 -17.37 16.35
C THR A 236 -4.71 -17.05 15.28
N LEU A 237 -5.02 -17.40 14.01
CA LEU A 237 -4.14 -17.05 12.90
C LEU A 237 -4.05 -15.54 12.73
N ASP A 238 -5.11 -14.81 13.07
CA ASP A 238 -5.07 -13.35 12.98
C ASP A 238 -4.17 -12.76 14.05
N SER A 239 -4.40 -13.11 15.31
CA SER A 239 -3.60 -12.55 16.40
C SER A 239 -2.14 -12.98 16.31
N PHE A 240 -1.87 -14.15 15.73
CA PHE A 240 -0.50 -14.62 15.58
C PHE A 240 0.28 -13.73 14.62
N LEU A 241 -0.28 -13.48 13.43
CA LEU A 241 0.42 -12.66 12.44
C LEU A 241 0.61 -11.24 12.95
N HIS A 242 -0.37 -10.71 13.70
CA HIS A 242 -0.23 -9.37 14.26
C HIS A 242 0.95 -9.31 15.22
N TYR A 243 1.10 -10.32 16.09
CA TYR A 243 2.20 -10.32 17.04
C TYR A 243 3.54 -10.45 16.33
N LYS A 244 3.62 -11.28 15.30
CA LYS A 244 4.88 -11.46 14.58
C LYS A 244 5.26 -10.21 13.79
N PHE A 245 4.27 -9.49 13.26
CA PHE A 245 4.56 -8.21 12.62
C PHE A 245 5.19 -7.24 13.61
N ILE A 246 4.60 -7.13 14.80
CA ILE A 246 5.06 -6.15 15.77
C ILE A 246 6.39 -6.56 16.37
N SER A 247 6.49 -7.82 16.83
CA SER A 247 7.76 -8.29 17.40
C SER A 247 8.85 -8.41 16.33
N GLY A 248 8.46 -8.55 15.06
CA GLY A 248 9.44 -8.54 13.99
C GLY A 248 10.05 -7.17 13.74
N GLY A 249 9.36 -6.11 14.13
CA GLY A 249 9.91 -4.77 14.02
C GLY A 249 9.01 -3.77 13.32
N CYS A 250 7.72 -4.08 13.18
CA CYS A 250 6.78 -3.18 12.54
C CYS A 250 6.02 -2.35 13.58
N ASP A 251 5.48 -1.22 13.11
CA ASP A 251 4.77 -0.30 14.00
C ASP A 251 3.35 -0.74 14.26
N LYS A 252 2.67 -1.27 13.24
CA LYS A 252 1.24 -1.56 13.32
C LYS A 252 0.87 -2.41 12.11
N ASP A 253 -0.40 -2.79 12.04
CA ASP A 253 -0.93 -3.39 10.82
C ASP A 253 -1.00 -2.34 9.73
N ALA A 254 -0.59 -2.71 8.52
CA ALA A 254 -0.72 -1.80 7.39
C ALA A 254 -2.18 -1.56 7.04
N TYR A 255 -3.05 -2.52 7.34
CA TYR A 255 -4.47 -2.45 7.02
C TYR A 255 -5.18 -3.52 7.82
N ILE A 256 -6.51 -3.46 7.82
CA ILE A 256 -7.34 -4.45 8.50
C ILE A 256 -7.20 -5.78 7.77
N PRO A 257 -6.77 -6.84 8.44
CA PRO A 257 -6.41 -8.07 7.74
C PRO A 257 -7.63 -8.91 7.37
N VAL A 258 -7.40 -9.81 6.41
CA VAL A 258 -8.41 -10.76 5.95
C VAL A 258 -7.88 -12.16 6.25
N VAL A 259 -8.65 -12.94 7.01
CA VAL A 259 -8.31 -14.32 7.34
C VAL A 259 -9.55 -15.14 7.04
N ALA A 260 -9.67 -15.62 5.81
CA ALA A 260 -10.89 -16.26 5.32
C ALA A 260 -10.60 -17.72 4.98
N THR A 261 -11.21 -18.63 5.75
CA THR A 261 -11.04 -20.06 5.50
C THR A 261 -12.20 -20.60 4.68
N GLY A 262 -11.88 -21.48 3.73
CA GLY A 262 -12.91 -22.16 2.97
C GLY A 262 -13.79 -21.19 2.20
N SER A 263 -15.11 -21.35 2.39
CA SER A 263 -16.07 -20.53 1.66
C SER A 263 -15.98 -19.06 2.04
N ASN A 264 -15.42 -18.74 3.21
CA ASN A 264 -15.23 -17.34 3.60
C ASN A 264 -14.37 -16.58 2.61
N SER A 265 -13.51 -17.27 1.85
CA SER A 265 -12.65 -16.62 0.88
C SER A 265 -13.40 -16.08 -0.32
N LEU A 266 -14.68 -16.43 -0.50
CA LEU A 266 -15.46 -15.89 -1.60
C LEU A 266 -15.94 -14.46 -1.34
N CYS A 267 -16.00 -14.03 -0.08
CA CYS A 267 -16.33 -12.66 0.26
C CYS A 267 -15.05 -11.83 0.23
N ILE A 268 -14.93 -10.97 -0.79
CA ILE A 268 -13.68 -10.24 -0.99
C ILE A 268 -13.36 -9.35 0.20
N HIS A 269 -14.38 -8.87 0.91
CA HIS A 269 -14.19 -7.93 2.00
C HIS A 269 -14.46 -8.57 3.36
N TYR A 270 -14.11 -9.84 3.51
CA TYR A 270 -14.32 -10.55 4.76
C TYR A 270 -13.28 -10.13 5.79
N THR A 271 -13.75 -9.67 6.96
CA THR A 271 -12.86 -9.26 8.04
C THR A 271 -13.30 -9.77 9.41
N ARG A 272 -14.40 -10.52 9.51
CA ARG A 272 -14.86 -11.00 10.81
C ARG A 272 -13.78 -11.81 11.52
N ASN A 273 -13.09 -12.69 10.78
CA ASN A 273 -11.93 -13.42 11.27
C ASN A 273 -12.19 -14.09 12.62
N ASP A 274 -13.20 -14.97 12.63
CA ASP A 274 -13.52 -15.68 13.86
C ASP A 274 -14.13 -17.06 13.61
N ASP A 275 -14.11 -17.57 12.39
CA ASP A 275 -14.73 -18.84 12.06
C ASP A 275 -13.76 -19.99 12.28
N VAL A 276 -14.32 -21.20 12.44
CA VAL A 276 -13.52 -22.39 12.62
C VAL A 276 -12.89 -22.80 11.30
N MET A 277 -11.71 -23.42 11.37
CA MET A 277 -10.99 -23.88 10.20
C MET A 277 -10.99 -25.41 10.17
N PHE A 278 -11.22 -25.97 8.98
CA PHE A 278 -11.38 -27.40 8.82
C PHE A 278 -10.23 -27.98 8.00
N ASP A 279 -9.99 -29.28 8.19
CA ASP A 279 -8.83 -29.96 7.63
C ASP A 279 -8.93 -30.20 6.13
N ASP A 280 -9.96 -29.71 5.45
CA ASP A 280 -10.15 -29.98 4.04
C ASP A 280 -10.12 -28.75 3.15
N GLU A 281 -10.03 -27.56 3.72
CA GLU A 281 -10.12 -26.31 2.98
C GLU A 281 -8.83 -25.51 3.10
N MET A 282 -8.71 -24.49 2.26
CA MET A 282 -7.59 -23.58 2.25
C MET A 282 -8.00 -22.24 2.85
N VAL A 283 -7.04 -21.51 3.38
CA VAL A 283 -7.28 -20.23 4.05
C VAL A 283 -6.63 -19.13 3.23
N LEU A 284 -7.38 -18.06 2.97
CA LEU A 284 -6.89 -16.89 2.26
C LEU A 284 -6.58 -15.81 3.29
N VAL A 285 -5.35 -15.30 3.28
CA VAL A 285 -4.89 -14.35 4.28
C VAL A 285 -4.29 -13.14 3.56
N ASP A 286 -4.87 -11.97 3.79
CA ASP A 286 -4.32 -10.70 3.32
C ASP A 286 -3.96 -9.87 4.55
N ALA A 287 -2.67 -9.73 4.82
CA ALA A 287 -2.19 -9.04 6.00
C ALA A 287 -0.72 -8.71 5.82
N ALA A 288 -0.29 -7.60 6.42
CA ALA A 288 1.08 -7.16 6.37
C ALA A 288 1.27 -6.04 7.38
N GLY A 289 2.54 -5.79 7.75
CA GLY A 289 2.87 -4.76 8.70
C GLY A 289 3.25 -3.45 8.05
N SER A 290 3.38 -2.43 8.90
CA SER A 290 3.79 -1.09 8.49
C SER A 290 4.94 -0.62 9.36
N LEU A 291 5.91 0.05 8.76
CA LEU A 291 7.11 0.49 9.46
C LEU A 291 7.44 1.91 9.02
N GLY A 292 7.55 2.83 9.98
CA GLY A 292 7.83 4.21 9.65
C GLY A 292 6.77 4.89 8.83
N GLY A 293 5.55 4.35 8.82
CA GLY A 293 4.49 4.86 7.99
C GLY A 293 4.34 4.18 6.65
N TYR A 294 5.35 3.43 6.21
CA TYR A 294 5.32 2.75 4.92
C TYR A 294 4.71 1.36 5.07
N CYS A 295 3.91 0.97 4.08
CA CYS A 295 3.08 -0.22 4.17
C CYS A 295 3.57 -1.32 3.25
N ALA A 296 3.46 -2.56 3.71
CA ALA A 296 3.55 -3.74 2.87
C ALA A 296 2.15 -4.27 2.60
N ASP A 297 2.06 -5.25 1.70
CA ASP A 297 0.76 -5.82 1.35
C ASP A 297 0.98 -7.22 0.80
N ILE A 298 0.54 -8.24 1.54
CA ILE A 298 0.79 -9.63 1.19
C ILE A 298 -0.51 -10.41 1.26
N SER A 299 -0.75 -11.24 0.26
CA SER A 299 -1.83 -12.23 0.29
C SER A 299 -1.23 -13.61 0.05
N ARG A 300 -1.73 -14.61 0.78
CA ARG A 300 -1.28 -15.98 0.64
C ARG A 300 -2.45 -16.92 0.87
N THR A 301 -2.43 -18.06 0.18
CA THR A 301 -3.45 -19.09 0.32
C THR A 301 -2.76 -20.44 0.43
N TRP A 302 -3.11 -21.20 1.48
CA TRP A 302 -2.49 -22.51 1.68
C TRP A 302 -3.48 -23.42 2.38
N PRO A 303 -3.37 -24.74 2.17
CA PRO A 303 -4.34 -25.66 2.77
C PRO A 303 -4.14 -25.84 4.27
N ASN A 304 -5.25 -25.98 4.99
CA ASN A 304 -5.17 -26.15 6.43
C ASN A 304 -4.54 -27.49 6.81
N SER A 305 -4.82 -28.53 6.02
CA SER A 305 -4.27 -29.86 6.30
C SER A 305 -2.75 -29.91 6.15
N GLY A 306 -2.17 -29.00 5.36
CA GLY A 306 -0.75 -28.99 5.13
C GLY A 306 -0.29 -29.67 3.85
N LYS A 307 -1.21 -30.03 2.96
CA LYS A 307 -0.85 -30.65 1.70
C LYS A 307 -1.93 -30.32 0.66
N PHE A 308 -1.49 -29.94 -0.53
CA PHE A 308 -2.42 -29.63 -1.61
C PHE A 308 -3.03 -30.91 -2.17
N THR A 309 -4.36 -30.92 -2.28
CA THR A 309 -5.02 -31.94 -3.07
C THR A 309 -4.80 -31.65 -4.56
N ASP A 310 -5.24 -32.59 -5.41
CA ASP A 310 -5.08 -32.39 -6.84
C ASP A 310 -5.90 -31.21 -7.33
N ALA A 311 -7.10 -31.01 -6.74
CA ALA A 311 -7.93 -29.87 -7.13
C ALA A 311 -7.34 -28.57 -6.62
N GLN A 312 -6.98 -28.53 -5.32
CA GLN A 312 -6.37 -27.33 -4.77
C GLN A 312 -5.08 -26.97 -5.48
N ARG A 313 -4.35 -27.97 -5.98
CA ARG A 313 -3.14 -27.70 -6.74
C ARG A 313 -3.47 -27.01 -8.06
N ASP A 314 -4.40 -27.58 -8.83
CA ASP A 314 -4.69 -27.05 -10.17
C ASP A 314 -5.15 -25.60 -10.11
N LEU A 315 -6.02 -25.27 -9.14
CA LEU A 315 -6.49 -23.90 -9.03
C LEU A 315 -5.39 -22.95 -8.55
N TYR A 316 -4.58 -23.40 -7.59
CA TYR A 316 -3.54 -22.54 -7.04
C TYR A 316 -2.50 -22.19 -8.10
N GLU A 317 -2.07 -23.18 -8.88
CA GLU A 317 -1.07 -22.93 -9.91
C GLU A 317 -1.59 -21.99 -10.98
N ALA A 318 -2.91 -21.98 -11.21
CA ALA A 318 -3.50 -21.02 -12.15
C ALA A 318 -3.28 -19.59 -11.67
N VAL A 319 -3.61 -19.32 -10.41
CA VAL A 319 -3.37 -17.99 -9.84
C VAL A 319 -1.88 -17.69 -9.80
N LEU A 320 -1.07 -18.69 -9.44
CA LEU A 320 0.37 -18.49 -9.36
C LEU A 320 0.98 -18.24 -10.74
N ASN A 321 0.45 -18.88 -11.78
CA ASN A 321 0.95 -18.65 -13.13
C ASN A 321 0.66 -17.21 -13.57
N VAL A 322 -0.56 -16.74 -13.35
CA VAL A 322 -0.91 -15.38 -13.73
C VAL A 322 -0.05 -14.37 -12.97
N GLN A 323 0.14 -14.60 -11.67
CA GLN A 323 0.93 -13.68 -10.87
C GLN A 323 2.39 -13.66 -11.33
N ARG A 324 2.98 -14.84 -11.55
CA ARG A 324 4.37 -14.91 -11.98
C ARG A 324 4.58 -14.19 -13.30
N ASP A 325 3.72 -14.47 -14.29
CA ASP A 325 3.87 -13.85 -15.60
C ASP A 325 3.66 -12.34 -15.53
N CYS A 326 2.86 -11.85 -14.59
CA CYS A 326 2.66 -10.42 -14.46
C CYS A 326 3.83 -9.74 -13.77
N ILE A 327 4.42 -10.40 -12.77
CA ILE A 327 5.58 -9.83 -12.09
C ILE A 327 6.74 -9.67 -13.06
N LYS A 328 6.91 -10.62 -13.99
CA LYS A 328 7.96 -10.54 -14.99
C LYS A 328 7.81 -9.34 -15.91
N LEU A 329 6.64 -8.70 -15.93
CA LEU A 329 6.42 -7.54 -16.80
C LEU A 329 6.92 -6.24 -16.19
N CYS A 330 7.17 -6.22 -14.88
CA CYS A 330 7.40 -4.96 -14.17
C CYS A 330 8.80 -4.41 -14.38
N LYS A 331 9.19 -4.20 -15.63
CA LYS A 331 10.42 -3.53 -15.99
C LYS A 331 10.07 -2.23 -16.71
N ALA A 332 10.68 -1.12 -16.27
CA ALA A 332 10.31 0.18 -16.82
C ALA A 332 10.57 0.26 -18.32
N SER A 333 11.56 -0.50 -18.82
CA SER A 333 11.84 -0.50 -20.24
C SER A 333 10.71 -1.14 -21.05
N ASN A 334 9.84 -1.93 -20.41
CA ASN A 334 8.68 -2.47 -21.11
C ASN A 334 7.68 -1.39 -21.51
N ASN A 335 7.69 -0.26 -20.78
CA ASN A 335 6.77 0.86 -21.01
C ASN A 335 5.32 0.47 -20.76
N TYR A 336 5.08 -0.56 -19.96
CA TYR A 336 3.72 -0.94 -19.60
C TYR A 336 3.15 0.06 -18.59
N SER A 337 1.85 0.29 -18.68
CA SER A 337 1.15 0.99 -17.63
C SER A 337 0.50 -0.03 -16.69
N LEU A 338 0.02 0.46 -15.55
CA LEU A 338 -0.67 -0.44 -14.61
C LEU A 338 -1.89 -1.07 -15.26
N HIS A 339 -2.60 -0.30 -16.08
CA HIS A 339 -3.76 -0.86 -16.78
C HIS A 339 -3.32 -1.83 -17.88
N ASP A 340 -2.19 -1.55 -18.52
CA ASP A 340 -1.64 -2.50 -19.49
C ASP A 340 -1.43 -3.87 -18.85
N ILE A 341 -0.93 -3.88 -17.62
CA ILE A 341 -0.66 -5.14 -16.93
C ILE A 341 -1.97 -5.82 -16.54
N HIS A 342 -2.97 -5.05 -16.10
CA HIS A 342 -4.24 -5.63 -15.69
C HIS A 342 -4.92 -6.33 -16.86
N GLU A 343 -4.95 -5.68 -18.02
CA GLU A 343 -5.56 -6.31 -19.19
C GLU A 343 -4.79 -7.54 -19.63
N LYS A 344 -3.47 -7.56 -19.40
CA LYS A 344 -2.72 -8.79 -19.63
C LYS A 344 -3.03 -9.84 -18.58
N SER A 345 -3.37 -9.42 -17.35
CA SER A 345 -3.76 -10.38 -16.34
C SER A 345 -5.08 -11.05 -16.69
N ILE A 346 -5.99 -10.32 -17.32
CA ILE A 346 -7.25 -10.91 -17.77
C ILE A 346 -7.00 -11.95 -18.84
N THR A 347 -6.13 -11.61 -19.81
CA THR A 347 -5.82 -12.56 -20.89
C THR A 347 -5.19 -13.83 -20.32
N LEU A 348 -4.18 -13.67 -19.47
CA LEU A 348 -3.51 -14.84 -18.88
C LEU A 348 -4.49 -15.67 -18.07
N MET A 349 -5.36 -15.01 -17.28
CA MET A 349 -6.30 -15.75 -16.46
C MET A 349 -7.32 -16.51 -17.32
N LYS A 350 -7.71 -15.94 -18.47
CA LYS A 350 -8.56 -16.68 -19.39
C LYS A 350 -7.90 -17.97 -19.84
N GLN A 351 -6.62 -17.90 -20.21
CA GLN A 351 -5.91 -19.08 -20.70
C GLN A 351 -5.81 -20.14 -19.62
N GLU A 352 -5.59 -19.74 -18.37
CA GLU A 352 -5.58 -20.70 -17.27
C GLU A 352 -6.96 -21.31 -17.07
N LEU A 353 -8.01 -20.50 -17.17
CA LEU A 353 -9.37 -21.04 -17.10
C LEU A 353 -9.63 -22.02 -18.22
N LYS A 354 -9.07 -21.77 -19.41
CA LYS A 354 -9.21 -22.72 -20.51
C LYS A 354 -8.47 -24.01 -20.23
N ASN A 355 -7.26 -23.93 -19.66
CA ASN A 355 -6.50 -25.12 -19.31
C ASN A 355 -7.25 -25.99 -18.33
N LEU A 356 -8.01 -25.39 -17.41
CA LEU A 356 -8.82 -26.13 -16.47
C LEU A 356 -10.17 -26.56 -17.03
N GLY A 357 -10.53 -26.08 -18.22
CA GLY A 357 -11.81 -26.45 -18.80
C GLY A 357 -13.01 -25.85 -18.12
N ILE A 358 -12.83 -24.71 -17.46
CA ILE A 358 -13.93 -24.03 -16.76
C ILE A 358 -14.09 -22.60 -17.26
N ASP A 359 -13.63 -22.30 -18.46
CA ASP A 359 -13.69 -20.94 -18.98
C ASP A 359 -15.04 -20.62 -19.61
N LYS A 360 -15.72 -21.61 -20.18
CA LYS A 360 -16.94 -21.40 -20.96
C LYS A 360 -18.20 -21.63 -20.14
N VAL A 361 -18.16 -21.42 -18.83
CA VAL A 361 -19.34 -21.56 -17.99
C VAL A 361 -20.27 -20.39 -18.25
N SER A 362 -21.54 -20.69 -18.52
CA SER A 362 -22.50 -19.64 -18.86
C SER A 362 -22.76 -18.73 -17.66
N GLY A 363 -22.65 -17.43 -17.88
CA GLY A 363 -22.88 -16.45 -16.83
C GLY A 363 -21.72 -16.23 -15.89
N TRP A 364 -20.63 -16.99 -16.01
CA TRP A 364 -19.46 -16.86 -15.14
C TRP A 364 -18.21 -16.73 -16.01
N ASN A 365 -18.09 -15.59 -16.69
CA ASN A 365 -16.90 -15.29 -17.46
C ASN A 365 -15.73 -14.96 -16.51
N VAL A 366 -14.60 -14.59 -17.10
CA VAL A 366 -13.41 -14.35 -16.30
C VAL A 366 -13.58 -13.13 -15.40
N GLU A 367 -14.40 -12.17 -15.80
CA GLU A 367 -14.61 -10.99 -14.97
C GLU A 367 -15.36 -11.31 -13.70
N LYS A 368 -16.22 -12.34 -13.70
CA LYS A 368 -16.95 -12.73 -12.51
C LYS A 368 -16.19 -13.72 -11.64
N LEU A 369 -15.19 -14.39 -12.19
CA LEU A 369 -14.31 -15.26 -11.39
C LEU A 369 -13.02 -14.56 -10.98
N TYR A 370 -12.66 -13.46 -11.63
CA TYR A 370 -11.51 -12.63 -11.30
C TYR A 370 -12.03 -11.20 -11.26
N PRO A 371 -12.70 -10.81 -10.18
CA PRO A 371 -13.53 -9.60 -10.21
C PRO A 371 -12.90 -8.36 -9.62
N HIS A 372 -11.57 -8.25 -9.59
CA HIS A 372 -10.91 -7.06 -9.08
C HIS A 372 -9.68 -6.76 -9.92
N TYR A 373 -9.03 -5.64 -9.61
CA TYR A 373 -7.88 -5.16 -10.37
C TYR A 373 -6.64 -5.98 -10.05
N ILE A 374 -5.60 -5.78 -10.88
CA ILE A 374 -4.37 -6.58 -10.71
C ILE A 374 -3.58 -6.11 -9.49
N GLY A 375 -3.66 -4.83 -9.18
CA GLY A 375 -2.88 -4.30 -8.07
C GLY A 375 -3.05 -2.81 -7.93
N HIS A 376 -2.10 -2.19 -7.22
CA HIS A 376 -2.21 -0.78 -6.88
C HIS A 376 -0.83 -0.28 -6.47
N ASN A 377 -0.65 1.04 -6.58
CA ASN A 377 0.55 1.67 -6.06
C ASN A 377 0.59 1.54 -4.54
N LEU A 378 1.80 1.35 -4.01
CA LEU A 378 2.00 1.09 -2.59
C LEU A 378 3.01 2.08 -2.03
N GLY A 379 2.75 2.56 -0.80
CA GLY A 379 3.65 3.50 -0.15
C GLY A 379 3.21 3.85 1.26
N LEU A 380 3.01 5.15 1.51
CA LEU A 380 2.51 5.58 2.81
C LEU A 380 1.07 5.12 3.03
N ASP A 381 0.28 5.04 1.96
CA ASP A 381 -1.05 4.46 2.00
C ASP A 381 -1.02 3.07 1.37
N VAL A 382 -1.95 2.22 1.78
CA VAL A 382 -2.09 0.90 1.16
C VAL A 382 -2.38 1.06 -0.33
N HIS A 383 -3.48 1.75 -0.65
CA HIS A 383 -3.75 2.16 -2.02
C HIS A 383 -3.13 3.54 -2.21
N ASP A 384 -1.83 3.53 -2.45
CA ASP A 384 -1.05 4.77 -2.50
C ASP A 384 -1.38 5.57 -3.76
N VAL A 385 -1.10 6.86 -3.67
CA VAL A 385 -1.29 7.87 -4.74
C VAL A 385 -2.45 7.52 -5.67
N PRO A 386 -3.70 7.56 -5.19
CA PRO A 386 -4.81 7.19 -6.07
C PRO A 386 -5.06 8.18 -7.20
N LYS A 387 -4.56 9.41 -7.09
CA LYS A 387 -4.84 10.46 -8.07
C LYS A 387 -3.85 10.49 -9.22
N VAL A 388 -2.95 9.50 -9.32
CA VAL A 388 -2.04 9.41 -10.46
C VAL A 388 -2.66 8.51 -11.51
N SER A 389 -2.25 8.72 -12.77
CA SER A 389 -2.91 8.08 -13.90
C SER A 389 -2.56 6.59 -13.94
N ARG A 390 -3.60 5.75 -13.97
CA ARG A 390 -3.40 4.31 -14.16
C ARG A 390 -2.92 3.96 -15.55
N TYR A 391 -2.91 4.92 -16.48
CA TYR A 391 -2.68 4.63 -17.89
C TYR A 391 -1.31 5.08 -18.40
N GLU A 392 -0.56 5.85 -17.61
CA GLU A 392 0.78 6.23 -18.04
C GLU A 392 1.76 5.11 -17.74
N PRO A 393 2.79 4.95 -18.57
CA PRO A 393 3.75 3.86 -18.36
C PRO A 393 4.39 3.92 -16.99
N LEU A 394 4.66 2.74 -16.42
CA LEU A 394 5.29 2.66 -15.11
C LEU A 394 6.73 3.18 -15.18
N LYS A 395 7.10 3.97 -14.19
CA LYS A 395 8.40 4.61 -14.14
C LYS A 395 9.25 3.99 -13.03
N VAL A 396 10.57 4.11 -13.18
CA VAL A 396 11.49 3.57 -12.20
C VAL A 396 11.23 4.18 -10.85
N GLY A 397 11.17 3.34 -9.81
CA GLY A 397 10.94 3.79 -8.46
C GLY A 397 9.54 3.58 -7.95
N GLN A 398 8.58 3.29 -8.84
CA GLN A 398 7.23 3.00 -8.40
C GLN A 398 7.16 1.63 -7.72
N VAL A 399 6.21 1.49 -6.82
CA VAL A 399 5.98 0.23 -6.10
C VAL A 399 4.51 -0.13 -6.30
N ILE A 400 4.26 -1.24 -6.99
CA ILE A 400 2.90 -1.71 -7.23
C ILE A 400 2.79 -3.15 -6.77
N THR A 401 1.58 -3.55 -6.39
CA THR A 401 1.30 -4.93 -6.04
C THR A 401 0.81 -5.69 -7.25
N ILE A 402 1.01 -7.00 -7.22
CA ILE A 402 0.52 -7.91 -8.26
C ILE A 402 -0.30 -8.97 -7.53
N GLU A 403 -1.62 -8.86 -7.59
CA GLU A 403 -2.52 -9.71 -6.80
C GLU A 403 -3.69 -10.20 -7.64
N PRO A 404 -3.45 -11.11 -8.57
CA PRO A 404 -4.56 -11.77 -9.26
C PRO A 404 -5.23 -12.78 -8.33
N GLY A 405 -6.42 -13.22 -8.73
CA GLY A 405 -7.16 -14.13 -7.89
C GLY A 405 -8.22 -14.89 -8.65
N LEU A 406 -8.62 -16.02 -8.07
CA LEU A 406 -9.70 -16.85 -8.58
C LEU A 406 -10.64 -17.20 -7.43
N TYR A 407 -11.94 -17.09 -7.69
CA TYR A 407 -12.97 -17.29 -6.67
C TYR A 407 -14.13 -18.04 -7.33
N ILE A 408 -14.19 -19.36 -7.11
CA ILE A 408 -15.17 -20.21 -7.78
C ILE A 408 -16.45 -20.25 -6.95
N PRO A 409 -17.60 -19.95 -7.55
CA PRO A 409 -18.85 -19.92 -6.79
C PRO A 409 -19.43 -21.32 -6.58
N ASN A 410 -20.39 -21.40 -5.65
CA ASN A 410 -21.04 -22.66 -5.32
C ASN A 410 -22.19 -22.93 -6.29
N GLU A 411 -21.80 -23.24 -7.53
CA GLU A 411 -22.74 -23.53 -8.59
C GLU A 411 -22.44 -24.93 -9.15
N GLU A 412 -23.50 -25.70 -9.40
CA GLU A 412 -23.33 -27.06 -9.88
C GLU A 412 -22.80 -27.14 -11.31
N SER A 413 -22.77 -26.02 -12.04
CA SER A 413 -22.19 -26.02 -13.37
C SER A 413 -20.66 -26.13 -13.34
N PHE A 414 -20.03 -25.91 -12.16
CA PHE A 414 -18.62 -26.07 -11.87
C PHE A 414 -18.36 -27.42 -11.22
N PRO A 415 -17.15 -27.97 -11.37
CA PRO A 415 -16.84 -29.23 -10.69
C PRO A 415 -16.93 -29.07 -9.18
N SER A 416 -17.40 -30.14 -8.51
CA SER A 416 -17.65 -30.04 -7.07
C SER A 416 -16.39 -29.70 -6.31
N TYR A 417 -15.24 -30.24 -6.72
CA TYR A 417 -13.99 -29.99 -6.02
C TYR A 417 -13.45 -28.58 -6.24
N PHE A 418 -14.13 -27.75 -7.03
CA PHE A 418 -13.74 -26.35 -7.20
C PHE A 418 -14.65 -25.38 -6.48
N ARG A 419 -15.87 -25.77 -6.15
CA ARG A 419 -16.85 -24.83 -5.60
C ARG A 419 -16.40 -24.32 -4.24
N ASN A 420 -16.67 -23.03 -3.99
CA ASN A 420 -16.37 -22.37 -2.72
C ASN A 420 -14.88 -22.39 -2.41
N VAL A 421 -14.06 -22.12 -3.42
CA VAL A 421 -12.61 -22.04 -3.27
C VAL A 421 -12.15 -20.69 -3.81
N GLY A 422 -11.66 -19.83 -2.93
CA GLY A 422 -11.11 -18.55 -3.33
C GLY A 422 -9.62 -18.46 -3.05
N ILE A 423 -8.86 -17.97 -4.03
CA ILE A 423 -7.40 -17.94 -3.95
C ILE A 423 -6.90 -16.58 -4.41
N ARG A 424 -5.95 -16.00 -3.67
CA ARG A 424 -5.27 -14.79 -4.08
C ARG A 424 -3.82 -14.84 -3.63
N ILE A 425 -2.91 -14.41 -4.50
CA ILE A 425 -1.49 -14.37 -4.21
C ILE A 425 -0.98 -12.97 -4.54
N GLU A 426 -0.50 -12.27 -3.52
CA GLU A 426 -0.10 -10.87 -3.65
C GLU A 426 1.33 -10.68 -3.21
N ASP A 427 2.10 -9.95 -4.02
CA ASP A 427 3.46 -9.54 -3.70
C ASP A 427 3.64 -8.08 -4.07
N ASP A 428 4.66 -7.47 -3.48
CA ASP A 428 4.96 -6.05 -3.68
C ASP A 428 6.19 -5.93 -4.57
N ILE A 429 6.02 -5.32 -5.74
CA ILE A 429 7.06 -5.27 -6.76
C ILE A 429 7.48 -3.82 -6.97
N ALA A 430 8.78 -3.58 -6.94
CA ALA A 430 9.34 -2.26 -7.21
C ALA A 430 9.90 -2.23 -8.62
N ILE A 431 9.61 -1.16 -9.35
CA ILE A 431 10.00 -1.06 -10.76
C ILE A 431 11.45 -0.65 -10.87
N GLY A 432 12.19 -1.32 -11.74
CA GLY A 432 13.55 -0.95 -12.06
C GLY A 432 13.71 -0.66 -13.54
N GLU A 433 14.92 -0.23 -13.90
CA GLU A 433 15.22 0.10 -15.29
C GLU A 433 15.01 -1.10 -16.21
N ASP A 434 15.78 -2.16 -15.97
CA ASP A 434 15.74 -3.36 -16.80
C ASP A 434 15.45 -4.61 -15.97
N THR A 435 14.94 -4.43 -14.75
CA THR A 435 14.59 -5.54 -13.88
C THR A 435 13.57 -5.02 -12.87
N TYR A 436 13.31 -5.83 -11.83
CA TYR A 436 12.41 -5.46 -10.75
C TYR A 436 12.95 -6.05 -9.46
N THR A 437 12.28 -5.74 -8.35
CA THR A 437 12.69 -6.24 -7.05
C THR A 437 11.46 -6.70 -6.28
N ASN A 438 11.43 -7.99 -5.94
CA ASN A 438 10.36 -8.55 -5.11
C ASN A 438 10.62 -8.15 -3.67
N LEU A 439 9.88 -7.16 -3.18
CA LEU A 439 10.04 -6.68 -1.82
C LEU A 439 9.47 -7.62 -0.78
N THR A 440 8.74 -8.66 -1.20
CA THR A 440 8.12 -9.62 -0.31
C THR A 440 8.50 -11.05 -0.69
N VAL A 441 9.72 -11.25 -1.17
CA VAL A 441 10.14 -12.54 -1.70
C VAL A 441 10.29 -13.60 -0.61
N GLU A 442 10.49 -13.19 0.65
CA GLU A 442 10.73 -14.14 1.73
C GLU A 442 9.54 -15.07 1.95
N ALA A 443 8.31 -14.55 1.82
CA ALA A 443 7.12 -15.37 2.00
C ALA A 443 7.00 -16.37 0.84
N VAL A 444 7.30 -17.64 1.10
CA VAL A 444 7.28 -18.64 0.05
C VAL A 444 5.86 -18.78 -0.51
N LYS A 445 5.78 -19.14 -1.79
CA LYS A 445 4.49 -19.31 -2.47
C LYS A 445 4.45 -20.46 -3.47
N GLU A 446 5.59 -21.05 -3.83
CA GLU A 446 5.57 -22.25 -4.66
C GLU A 446 5.03 -23.43 -3.86
N ILE A 447 4.34 -24.33 -4.55
CA ILE A 447 3.66 -25.44 -3.88
C ILE A 447 4.67 -26.34 -3.16
N ASP A 448 5.80 -26.63 -3.81
CA ASP A 448 6.83 -27.44 -3.17
C ASP A 448 7.45 -26.70 -1.99
N ASP A 449 7.64 -25.39 -2.11
CA ASP A 449 8.13 -24.61 -0.97
C ASP A 449 7.09 -24.55 0.14
N LEU A 450 5.82 -24.34 -0.23
CA LEU A 450 4.76 -24.28 0.77
C LEU A 450 4.64 -25.59 1.53
N GLU A 451 4.50 -26.71 0.79
CA GLU A 451 4.33 -28.00 1.45
C GLU A 451 5.55 -28.39 2.26
N ASN A 452 6.73 -27.82 1.95
CA ASN A 452 7.92 -28.13 2.72
C ASN A 452 7.88 -27.46 4.10
N VAL A 453 7.51 -26.17 4.13
CA VAL A 453 7.46 -25.45 5.40
C VAL A 453 6.31 -25.95 6.27
N MET A 454 5.21 -26.37 5.66
CA MET A 454 4.04 -26.78 6.44
C MET A 454 4.28 -28.10 7.16
N GLN A 455 4.95 -29.05 6.50
CA GLN A 455 5.12 -30.38 7.06
C GLN A 455 6.42 -30.55 7.83
N ASN A 456 7.44 -29.76 7.54
CA ASN A 456 8.73 -29.88 8.21
C ASN A 456 9.05 -28.73 9.15
N GLY A 457 8.60 -27.52 8.84
CA GLY A 457 8.84 -26.37 9.70
C GLY A 457 10.15 -25.67 9.41
MN MN B . -3.77 -7.09 0.00
MN MN C . -3.27 -4.95 -2.25
C1 PGE D . -7.98 -3.02 -5.54
O1 PGE D . -7.52 -1.70 -5.83
C2 PGE D . -7.09 -4.02 -6.26
O2 PGE D . -6.93 -5.18 -5.46
C3 PGE D . -8.13 -5.73 -4.98
C4 PGE D . -7.81 -6.96 -4.16
O4 PGE D . -9.78 -6.02 0.03
C6 PGE D . -9.61 -6.98 -1.01
C5 PGE D . -8.93 -6.30 -2.19
O3 PGE D . -8.88 -7.21 -3.27
N GLY E . -4.85 -5.25 1.44
CA GLY E . -5.93 -4.93 0.52
C GLY E . -5.50 -4.94 -0.93
O GLY E . -5.25 -6.00 -1.51
OXT GLY E . -5.38 -3.90 -1.57
#